data_6AU6
#
_entry.id   6AU6
#
_cell.length_a   37.370
_cell.length_b   85.580
_cell.length_c   125.640
_cell.angle_alpha   90.00
_cell.angle_beta   90.00
_cell.angle_gamma   90.00
#
_symmetry.space_group_name_H-M   'P 21 21 21'
#
loop_
_entity.id
_entity.type
_entity.pdbx_description
1 polymer 'Guanine nucleotide-binding protein G(s) subunit alpha isoforms short'
2 non-polymer "GUANOSINE-5'-DIPHOSPHATE"
3 non-polymer 'MAGNESIUM ION'
4 non-polymer 'CHLORIDE ION'
5 non-polymer GLYCEROL
6 water water
#
_entity_poly.entity_id   1
_entity_poly.type   'polypeptide(L)'
_entity_poly.pdbx_seq_one_letter_code
;AHMSKTEDQRNEEKAQREANKKIEKQLQKDKQVYRATHRLLLLGAGESGKSTIVKQMRILHVNGFNGDSEKATKVQDIKN
NLKEAIETIVAAMSNLVPPVELANPENQFRVDYILSVMNVPDFDFPPEFYEHAKALWEDEGVRACYERSNEYQLIDCAQY
FLDKIDVIKQADYVPSDQDLLRCCVLTSGIFETKFQVDKVNFHMFDVGGQRDERRKWIQSFNDVTAIIFVVASSSYNMVI
REDNQTNRLQEALNLFKSIWNNRWLRTISVILFLNKQDLLAEKVLAGKSKIEDYFPEFARYTTPEDATPEPGEDPRVTRA
KYFIRDEFLRISTASGDGRHYCYPHFTCAVDTENIRRVFNDCRDIIQRMHLRQYELL
;
_entity_poly.pdbx_strand_id   A
#
# COMPACT_ATOMS: atom_id res chain seq x y z
N ARG A 35 24.82 -12.23 14.90
CA ARG A 35 25.61 -11.53 15.91
C ARG A 35 24.80 -10.42 16.57
N ALA A 36 23.57 -10.23 16.09
CA ALA A 36 22.70 -9.20 16.66
C ALA A 36 21.26 -9.54 16.30
N THR A 37 20.34 -8.97 17.08
CA THR A 37 18.91 -9.03 16.81
C THR A 37 18.39 -7.60 16.76
N HIS A 38 17.78 -7.25 15.64
CA HIS A 38 17.25 -5.91 15.44
C HIS A 38 15.74 -5.97 15.44
N ARG A 39 15.11 -5.03 16.12
CA ARG A 39 13.67 -4.98 16.23
C ARG A 39 13.19 -3.79 15.41
N LEU A 40 12.43 -4.07 14.36
CA LEU A 40 11.96 -3.05 13.43
C LEU A 40 10.46 -2.95 13.53
N LEU A 41 9.96 -1.72 13.64
CA LEU A 41 8.53 -1.47 13.68
C LEU A 41 8.08 -0.94 12.33
N LEU A 42 7.12 -1.62 11.72
CA LEU A 42 6.44 -1.11 10.54
C LEU A 42 5.25 -0.29 11.01
N LEU A 43 5.32 1.03 10.80
CA LEU A 43 4.23 1.94 11.13
C LEU A 43 3.72 2.59 9.86
N GLY A 44 2.46 3.01 9.91
CA GLY A 44 1.84 3.57 8.74
C GLY A 44 0.34 3.42 8.79
N ALA A 45 -0.33 4.29 8.06
CA ALA A 45 -1.79 4.27 8.01
C ALA A 45 -2.29 2.96 7.39
N GLY A 46 -3.59 2.73 7.54
CA GLY A 46 -4.20 1.59 6.88
C GLY A 46 -3.94 1.59 5.39
N GLU A 47 -3.67 0.40 4.85
CA GLU A 47 -3.46 0.13 3.42
C GLU A 47 -2.18 0.73 2.87
N SER A 48 -1.25 1.11 3.74
CA SER A 48 -0.02 1.71 3.23
C SER A 48 0.96 0.68 2.65
N GLY A 49 0.94 -0.56 3.15
CA GLY A 49 1.81 -1.61 2.66
C GLY A 49 2.55 -2.42 3.71
N LYS A 50 2.19 -2.28 4.98
CA LYS A 50 2.94 -2.91 6.06
C LYS A 50 2.88 -4.43 5.99
N SER A 51 1.67 -4.98 5.90
CA SER A 51 1.54 -6.43 5.86
C SER A 51 2.16 -6.99 4.60
N THR A 52 2.16 -6.21 3.52
CA THR A 52 2.80 -6.66 2.29
C THR A 52 4.30 -6.78 2.48
N ILE A 53 4.91 -5.84 3.20
CA ILE A 53 6.34 -5.92 3.49
C ILE A 53 6.66 -7.19 4.27
N VAL A 54 5.82 -7.52 5.27
CA VAL A 54 6.03 -8.75 6.03
C VAL A 54 5.93 -9.96 5.12
N LYS A 55 4.96 -9.98 4.21
CA LYS A 55 4.86 -11.07 3.26
C LYS A 55 6.16 -11.23 2.48
N GLN A 56 6.76 -10.12 2.04
CA GLN A 56 8.03 -10.18 1.33
C GLN A 56 9.15 -10.70 2.20
N MET A 57 9.20 -10.29 3.46
CA MET A 57 10.22 -10.81 4.36
C MET A 57 10.09 -12.32 4.47
N ARG A 58 8.85 -12.83 4.51
CA ARG A 58 8.69 -14.27 4.59
C ARG A 58 9.10 -14.95 3.29
N ILE A 59 8.82 -14.33 2.14
CA ILE A 59 9.29 -14.88 0.87
C ILE A 59 10.80 -14.93 0.86
N LEU A 60 11.44 -13.85 1.31
CA LEU A 60 12.88 -13.75 1.17
C LEU A 60 13.63 -14.54 2.23
N HIS A 61 13.10 -14.66 3.44
CA HIS A 61 13.89 -15.15 4.56
C HIS A 61 13.22 -16.21 5.42
N VAL A 62 12.00 -16.61 5.09
CA VAL A 62 11.32 -17.65 5.85
C VAL A 62 10.93 -18.73 4.85
N ASN A 63 9.63 -18.88 4.58
CA ASN A 63 9.15 -19.89 3.64
C ASN A 63 8.01 -19.34 2.79
N GLY A 64 7.93 -18.03 2.61
CA GLY A 64 6.89 -17.45 1.79
C GLY A 64 5.52 -17.81 2.30
N PHE A 65 4.65 -18.17 1.36
CA PHE A 65 3.27 -18.53 1.67
C PHE A 65 3.10 -20.03 1.92
N ASN A 66 4.17 -20.72 2.30
CA ASN A 66 4.13 -22.12 2.73
C ASN A 66 3.59 -22.96 1.57
N GLY A 67 2.65 -23.88 1.80
CA GLY A 67 2.25 -24.85 0.80
C GLY A 67 0.80 -24.75 0.36
N ASP A 68 0.31 -25.83 -0.26
CA ASP A 68 -1.01 -25.81 -0.87
C ASP A 68 -2.10 -25.44 0.13
N SER A 69 -1.96 -25.89 1.38
CA SER A 69 -2.97 -25.58 2.39
C SER A 69 -3.12 -24.07 2.56
N GLU A 70 -1.99 -23.38 2.76
CA GLU A 70 -2.04 -21.92 2.83
C GLU A 70 -2.54 -21.34 1.52
N LYS A 71 -1.95 -21.79 0.40
CA LYS A 71 -2.43 -21.35 -0.91
C LYS A 71 -3.93 -21.49 -1.01
N ALA A 72 -4.45 -22.71 -0.81
CA ALA A 72 -5.88 -22.94 -0.92
C ALA A 72 -6.67 -22.03 0.01
N THR A 73 -6.27 -21.99 1.29
CA THR A 73 -6.96 -21.12 2.23
C THR A 73 -6.92 -19.66 1.79
N LYS A 74 -5.85 -19.25 1.11
CA LYS A 74 -5.73 -17.88 0.64
C LYS A 74 -6.32 -17.65 -0.74
N VAL A 75 -6.59 -18.72 -1.50
CA VAL A 75 -7.34 -18.58 -2.74
C VAL A 75 -8.65 -17.86 -2.48
N GLN A 76 -9.28 -18.14 -1.33
CA GLN A 76 -10.55 -17.50 -1.02
C GLN A 76 -10.37 -16.00 -0.82
N ASP A 77 -9.24 -15.57 -0.25
CA ASP A 77 -9.00 -14.14 -0.12
C ASP A 77 -8.91 -13.47 -1.48
N ILE A 78 -8.26 -14.12 -2.45
CA ILE A 78 -8.12 -13.55 -3.78
C ILE A 78 -9.49 -13.43 -4.44
N LYS A 79 -10.29 -14.50 -4.38
CA LYS A 79 -11.62 -14.43 -4.95
C LYS A 79 -12.46 -13.37 -4.24
N ASN A 80 -12.37 -13.29 -2.92
CA ASN A 80 -13.12 -12.27 -2.19
C ASN A 80 -12.66 -10.87 -2.55
N ASN A 81 -11.36 -10.67 -2.83
CA ASN A 81 -10.91 -9.38 -3.34
C ASN A 81 -11.54 -9.08 -4.69
N LEU A 82 -11.53 -10.07 -5.57
CA LEU A 82 -12.13 -9.90 -6.89
C LEU A 82 -13.59 -9.49 -6.76
N LYS A 83 -14.34 -10.19 -5.92
CA LYS A 83 -15.75 -9.88 -5.73
C LYS A 83 -15.94 -8.52 -5.08
N GLU A 84 -15.17 -8.22 -4.03
CA GLU A 84 -15.24 -6.90 -3.42
C GLU A 84 -15.00 -5.81 -4.46
N ALA A 85 -13.99 -6.00 -5.31
CA ALA A 85 -13.68 -5.01 -6.32
C ALA A 85 -14.87 -4.75 -7.23
N ILE A 86 -15.41 -5.81 -7.85
CA ILE A 86 -16.43 -5.57 -8.85
C ILE A 86 -17.71 -5.06 -8.21
N GLU A 87 -18.09 -5.62 -7.05
CA GLU A 87 -19.33 -5.17 -6.42
C GLU A 87 -19.21 -3.76 -5.89
N THR A 88 -18.00 -3.34 -5.48
CA THR A 88 -17.81 -1.96 -5.04
C THR A 88 -17.97 -0.99 -6.20
N ILE A 89 -17.35 -1.30 -7.33
CA ILE A 89 -17.46 -0.44 -8.51
C ILE A 89 -18.91 -0.36 -8.96
N VAL A 90 -19.57 -1.51 -9.10
CA VAL A 90 -20.95 -1.54 -9.58
C VAL A 90 -21.85 -0.75 -8.65
N ALA A 91 -21.70 -0.97 -7.34
CA ALA A 91 -22.53 -0.26 -6.38
C ALA A 91 -22.28 1.23 -6.40
N ALA A 92 -21.05 1.65 -6.73
CA ALA A 92 -20.74 3.07 -6.72
C ALA A 92 -21.35 3.83 -7.88
N MET A 93 -21.71 3.13 -8.97
CA MET A 93 -22.11 3.82 -10.19
C MET A 93 -23.23 4.80 -9.94
N SER A 94 -24.29 4.35 -9.26
CA SER A 94 -25.44 5.19 -9.02
C SER A 94 -25.21 6.23 -7.94
N ASN A 95 -24.15 6.06 -7.14
CA ASN A 95 -23.88 6.97 -6.03
C ASN A 95 -22.88 8.06 -6.38
N LEU A 96 -22.13 7.91 -7.47
CA LEU A 96 -21.27 8.99 -7.92
C LEU A 96 -22.10 10.19 -8.33
N VAL A 97 -21.50 11.37 -8.20
CA VAL A 97 -22.14 12.61 -8.59
C VAL A 97 -21.24 13.33 -9.59
N PRO A 98 -21.63 13.36 -10.87
CA PRO A 98 -22.81 12.74 -11.48
C PRO A 98 -22.72 11.22 -11.54
N PRO A 99 -23.85 10.53 -11.54
CA PRO A 99 -23.81 9.06 -11.62
C PRO A 99 -23.29 8.60 -12.97
N VAL A 100 -22.94 7.32 -13.02
CA VAL A 100 -22.39 6.70 -14.22
C VAL A 100 -23.32 5.56 -14.63
N GLU A 101 -23.65 5.52 -15.91
CA GLU A 101 -24.56 4.52 -16.45
C GLU A 101 -23.77 3.45 -17.19
N LEU A 102 -24.38 2.27 -17.31
CA LEU A 102 -23.78 1.23 -18.12
C LEU A 102 -23.61 1.72 -19.55
N ALA A 103 -22.50 1.34 -20.16
CA ALA A 103 -22.31 1.60 -21.58
C ALA A 103 -23.23 0.73 -22.42
N ASN A 104 -23.46 -0.50 -21.97
CA ASN A 104 -24.33 -1.44 -22.67
C ASN A 104 -25.46 -1.83 -21.73
N PRO A 105 -26.68 -1.32 -21.93
CA PRO A 105 -27.78 -1.65 -21.00
C PRO A 105 -28.09 -3.14 -20.95
N GLU A 106 -27.61 -3.92 -21.91
CA GLU A 106 -27.79 -5.36 -21.84
C GLU A 106 -27.09 -5.97 -20.63
N ASN A 107 -26.18 -5.24 -20.00
CA ASN A 107 -25.50 -5.74 -18.82
C ASN A 107 -26.28 -5.52 -17.54
N GLN A 108 -27.49 -4.96 -17.61
CA GLN A 108 -28.24 -4.67 -16.40
C GLN A 108 -28.43 -5.90 -15.53
N PHE A 109 -28.73 -7.06 -16.14
CA PHE A 109 -28.98 -8.24 -15.32
C PHE A 109 -27.73 -8.67 -14.58
N ARG A 110 -26.55 -8.40 -15.16
CA ARG A 110 -25.29 -8.71 -14.49
C ARG A 110 -25.06 -7.77 -13.31
N VAL A 111 -25.35 -6.48 -13.49
CA VAL A 111 -25.35 -5.55 -12.37
C VAL A 111 -26.23 -6.09 -11.25
N ASP A 112 -27.47 -6.43 -11.60
CA ASP A 112 -28.41 -6.90 -10.59
C ASP A 112 -27.88 -8.13 -9.88
N TYR A 113 -27.32 -9.09 -10.63
CA TYR A 113 -26.77 -10.29 -10.02
C TYR A 113 -25.69 -9.93 -9.01
N ILE A 114 -24.75 -9.06 -9.41
CA ILE A 114 -23.64 -8.70 -8.52
C ILE A 114 -24.17 -8.00 -7.27
N LEU A 115 -25.13 -7.08 -7.42
CA LEU A 115 -25.71 -6.45 -6.23
C LEU A 115 -26.43 -7.48 -5.38
N SER A 116 -27.09 -8.44 -6.02
CA SER A 116 -27.87 -9.42 -5.27
C SER A 116 -26.99 -10.31 -4.40
N VAL A 117 -25.79 -10.68 -4.87
CA VAL A 117 -24.91 -11.55 -4.10
C VAL A 117 -23.89 -10.77 -3.30
N MET A 118 -24.01 -9.44 -3.26
CA MET A 118 -22.99 -8.61 -2.64
C MET A 118 -22.71 -9.03 -1.20
N ASN A 119 -23.75 -9.39 -0.46
CA ASN A 119 -23.64 -9.66 0.97
C ASN A 119 -23.89 -11.12 1.32
N VAL A 120 -23.73 -12.03 0.35
CA VAL A 120 -23.87 -13.45 0.62
C VAL A 120 -22.64 -13.92 1.40
N PRO A 121 -22.80 -14.49 2.59
CA PRO A 121 -21.63 -15.01 3.31
C PRO A 121 -21.07 -16.25 2.64
N ASP A 122 -19.75 -16.39 2.75
CA ASP A 122 -19.05 -17.57 2.24
C ASP A 122 -19.48 -17.89 0.81
N PHE A 123 -19.37 -16.89 -0.05
CA PHE A 123 -19.78 -17.03 -1.43
C PHE A 123 -19.01 -18.18 -2.10
N ASP A 124 -19.70 -18.93 -2.96
CA ASP A 124 -19.17 -20.15 -3.56
C ASP A 124 -18.51 -19.93 -4.91
N PHE A 125 -18.56 -18.71 -5.45
CA PHE A 125 -17.87 -18.37 -6.68
C PHE A 125 -18.12 -19.35 -7.82
N PRO A 126 -19.37 -19.52 -8.24
CA PRO A 126 -19.68 -20.40 -9.36
C PRO A 126 -19.26 -19.76 -10.67
N PRO A 127 -19.24 -20.54 -11.76
CA PRO A 127 -18.75 -19.98 -13.03
C PRO A 127 -19.46 -18.72 -13.46
N GLU A 128 -20.77 -18.60 -13.20
CA GLU A 128 -21.48 -17.43 -13.70
C GLU A 128 -21.01 -16.15 -13.03
N PHE A 129 -20.57 -16.22 -11.78
CA PHE A 129 -20.04 -15.01 -11.15
C PHE A 129 -18.90 -14.44 -11.97
N TYR A 130 -17.96 -15.30 -12.40
CA TYR A 130 -16.82 -14.79 -13.15
C TYR A 130 -17.26 -14.24 -14.50
N GLU A 131 -18.16 -14.93 -15.19
CA GLU A 131 -18.59 -14.44 -16.49
C GLU A 131 -19.30 -13.10 -16.37
N HIS A 132 -20.14 -12.95 -15.35
CA HIS A 132 -20.82 -11.67 -15.15
C HIS A 132 -19.84 -10.59 -14.74
N ALA A 133 -18.92 -10.90 -13.84
CA ALA A 133 -17.93 -9.91 -13.43
C ALA A 133 -17.09 -9.46 -14.62
N LYS A 134 -16.66 -10.41 -15.45
CA LYS A 134 -15.81 -10.06 -16.58
C LYS A 134 -16.56 -9.19 -17.59
N ALA A 135 -17.82 -9.52 -17.88
CA ALA A 135 -18.56 -8.69 -18.83
C ALA A 135 -18.78 -7.29 -18.28
N LEU A 136 -18.98 -7.16 -16.98
CA LEU A 136 -19.12 -5.83 -16.39
C LEU A 136 -17.80 -5.08 -16.45
N TRP A 137 -16.70 -5.75 -16.12
CA TRP A 137 -15.40 -5.11 -16.16
C TRP A 137 -15.09 -4.56 -17.55
N GLU A 138 -15.58 -5.24 -18.59
CA GLU A 138 -15.38 -4.79 -19.98
C GLU A 138 -16.37 -3.72 -20.41
N ASP A 139 -17.39 -3.44 -19.60
CA ASP A 139 -18.34 -2.38 -19.92
C ASP A 139 -17.68 -1.03 -19.71
N GLU A 140 -17.75 -0.15 -20.71
CA GLU A 140 -17.06 1.12 -20.62
C GLU A 140 -17.64 2.03 -19.55
N GLY A 141 -18.92 1.83 -19.19
CA GLY A 141 -19.48 2.59 -18.09
C GLY A 141 -18.93 2.13 -16.76
N VAL A 142 -18.85 0.81 -16.55
CA VAL A 142 -18.25 0.28 -15.33
C VAL A 142 -16.79 0.73 -15.24
N ARG A 143 -16.06 0.69 -16.35
CA ARG A 143 -14.68 1.16 -16.34
C ARG A 143 -14.60 2.63 -16.02
N ALA A 144 -15.53 3.42 -16.56
CA ALA A 144 -15.55 4.85 -16.26
C ALA A 144 -15.79 5.10 -14.79
N CYS A 145 -16.63 4.26 -14.15
CA CYS A 145 -16.82 4.36 -12.71
C CYS A 145 -15.55 3.99 -11.98
N TYR A 146 -14.89 2.91 -12.41
CA TYR A 146 -13.61 2.51 -11.83
C TYR A 146 -12.61 3.65 -11.86
N GLU A 147 -12.56 4.40 -12.97
CA GLU A 147 -11.59 5.48 -13.08
C GLU A 147 -11.90 6.64 -12.14
N ARG A 148 -13.11 6.70 -11.58
CA ARG A 148 -13.47 7.68 -10.57
C ARG A 148 -13.43 7.10 -9.16
N SER A 149 -12.65 6.04 -8.95
CA SER A 149 -12.66 5.31 -7.69
C SER A 149 -12.15 6.13 -6.51
N ASN A 150 -11.41 7.20 -6.74
CA ASN A 150 -11.00 8.01 -5.61
C ASN A 150 -12.18 8.73 -4.96
N GLU A 151 -13.35 8.72 -5.60
CA GLU A 151 -14.57 9.29 -5.03
C GLU A 151 -15.34 8.29 -4.18
N TYR A 152 -14.85 7.06 -4.05
CA TYR A 152 -15.39 6.10 -3.09
C TYR A 152 -14.20 5.33 -2.52
N GLN A 153 -14.44 4.15 -1.97
CA GLN A 153 -13.41 3.36 -1.30
C GLN A 153 -13.25 2.05 -2.04
N LEU A 154 -12.14 1.91 -2.76
CA LEU A 154 -11.89 0.73 -3.59
C LEU A 154 -10.49 0.22 -3.31
N ILE A 155 -10.36 -1.07 -3.06
CA ILE A 155 -9.06 -1.67 -2.81
C ILE A 155 -8.15 -1.50 -4.02
N ASP A 156 -6.87 -1.21 -3.75
CA ASP A 156 -5.91 -0.88 -4.80
C ASP A 156 -5.67 -2.02 -5.77
N CYS A 157 -5.88 -3.25 -5.34
CA CYS A 157 -5.64 -4.42 -6.18
C CYS A 157 -6.78 -4.69 -7.15
N ALA A 158 -7.79 -3.82 -7.21
CA ALA A 158 -8.97 -4.10 -8.02
C ALA A 158 -8.59 -4.44 -9.47
N GLN A 159 -7.83 -3.55 -10.12
CA GLN A 159 -7.53 -3.76 -11.52
C GLN A 159 -6.69 -5.02 -11.71
N TYR A 160 -5.75 -5.28 -10.80
CA TYR A 160 -4.89 -6.44 -10.94
C TYR A 160 -5.71 -7.72 -11.03
N PHE A 161 -6.66 -7.90 -10.11
CA PHE A 161 -7.42 -9.14 -10.09
C PHE A 161 -8.52 -9.14 -11.14
N LEU A 162 -9.13 -7.98 -11.41
CA LEU A 162 -10.19 -7.94 -12.42
C LEU A 162 -9.63 -8.25 -13.81
N ASP A 163 -8.38 -7.86 -14.06
CA ASP A 163 -7.75 -8.13 -15.35
C ASP A 163 -7.37 -9.60 -15.54
N LYS A 164 -7.45 -10.44 -14.51
CA LYS A 164 -7.12 -11.84 -14.68
C LYS A 164 -8.24 -12.74 -14.15
N ILE A 165 -9.49 -12.30 -14.33
CA ILE A 165 -10.63 -13.16 -14.05
C ILE A 165 -10.45 -14.51 -14.72
N ASP A 166 -10.03 -14.50 -16.00
CA ASP A 166 -9.90 -15.75 -16.74
C ASP A 166 -8.89 -16.69 -16.10
N VAL A 167 -7.85 -16.14 -15.47
CA VAL A 167 -6.89 -16.98 -14.76
C VAL A 167 -7.52 -17.52 -13.47
N ILE A 168 -8.17 -16.64 -12.70
CA ILE A 168 -8.64 -16.98 -11.36
C ILE A 168 -9.80 -17.97 -11.43
N LYS A 169 -10.63 -17.89 -12.47
CA LYS A 169 -11.84 -18.69 -12.51
C LYS A 169 -11.57 -20.16 -12.81
N GLN A 170 -10.39 -20.49 -13.32
CA GLN A 170 -10.06 -21.86 -13.64
C GLN A 170 -10.15 -22.75 -12.41
N ALA A 171 -10.68 -23.97 -12.59
CA ALA A 171 -10.84 -24.88 -11.47
C ALA A 171 -9.49 -25.26 -10.87
N ASP A 172 -8.44 -25.34 -11.68
CA ASP A 172 -7.11 -25.71 -11.22
C ASP A 172 -6.24 -24.49 -10.94
N TYR A 173 -6.85 -23.33 -10.68
CA TYR A 173 -6.09 -22.12 -10.41
C TYR A 173 -5.31 -22.27 -9.12
N VAL A 174 -4.02 -21.95 -9.17
CA VAL A 174 -3.16 -21.89 -8.00
C VAL A 174 -2.58 -20.48 -7.95
N PRO A 175 -2.76 -19.74 -6.86
CA PRO A 175 -2.26 -18.37 -6.83
C PRO A 175 -0.74 -18.33 -6.93
N SER A 176 -0.25 -17.38 -7.72
CA SER A 176 1.17 -17.05 -7.71
C SER A 176 1.52 -16.28 -6.44
N ASP A 177 2.82 -16.19 -6.15
CA ASP A 177 3.22 -15.36 -5.04
C ASP A 177 2.78 -13.92 -5.25
N GLN A 178 2.81 -13.44 -6.51
CA GLN A 178 2.38 -12.09 -6.79
C GLN A 178 0.90 -11.91 -6.50
N ASP A 179 0.08 -12.89 -6.90
CA ASP A 179 -1.34 -12.85 -6.54
C ASP A 179 -1.51 -12.70 -5.03
N LEU A 180 -0.74 -13.48 -4.26
CA LEU A 180 -0.89 -13.45 -2.80
C LEU A 180 -0.37 -12.14 -2.22
N LEU A 181 0.65 -11.55 -2.85
CA LEU A 181 1.15 -10.25 -2.41
C LEU A 181 0.16 -9.14 -2.70
N ARG A 182 -0.55 -9.22 -3.83
CA ARG A 182 -1.52 -8.20 -4.18
C ARG A 182 -2.79 -8.30 -3.36
N CYS A 183 -3.05 -9.47 -2.78
CA CYS A 183 -4.25 -9.68 -2.00
C CYS A 183 -4.33 -8.68 -0.85
N CYS A 184 -5.51 -8.10 -0.67
CA CYS A 184 -5.74 -7.06 0.33
C CYS A 184 -6.58 -7.67 1.46
N VAL A 185 -5.94 -7.96 2.59
CA VAL A 185 -6.61 -8.49 3.77
C VAL A 185 -6.18 -7.62 4.94
N LEU A 186 -7.07 -6.74 5.39
CA LEU A 186 -6.72 -5.70 6.36
C LEU A 186 -7.11 -6.15 7.77
N THR A 187 -6.42 -7.17 8.23
CA THR A 187 -6.65 -7.68 9.57
C THR A 187 -6.05 -6.71 10.59
N SER A 188 -6.87 -6.29 11.55
CA SER A 188 -6.37 -5.40 12.59
C SER A 188 -5.49 -6.17 13.57
N GLY A 189 -4.61 -5.43 14.25
CA GLY A 189 -3.73 -5.99 15.25
C GLY A 189 -2.28 -5.77 14.93
N ILE A 190 -1.43 -6.34 15.78
CA ILE A 190 0.02 -6.30 15.60
C ILE A 190 0.46 -7.70 15.22
N PHE A 191 1.17 -7.82 14.09
CA PHE A 191 1.65 -9.09 13.60
C PHE A 191 3.17 -9.05 13.53
N GLU A 192 3.79 -10.19 13.82
CA GLU A 192 5.22 -10.26 14.00
C GLU A 192 5.79 -11.34 13.11
N THR A 193 6.98 -11.05 12.57
CA THR A 193 7.80 -12.10 11.97
C THR A 193 9.21 -11.95 12.53
N LYS A 194 9.93 -13.05 12.54
CA LYS A 194 11.33 -13.00 12.92
C LYS A 194 12.09 -13.92 11.99
N PHE A 195 13.27 -13.48 11.56
CA PHE A 195 14.04 -14.26 10.60
C PHE A 195 15.51 -13.88 10.74
N GLN A 196 16.35 -14.74 10.19
CA GLN A 196 17.79 -14.56 10.25
C GLN A 196 18.33 -14.37 8.84
N VAL A 197 19.23 -13.41 8.68
CA VAL A 197 19.93 -13.17 7.43
C VAL A 197 21.40 -13.06 7.77
N ASP A 198 22.21 -13.94 7.18
CA ASP A 198 23.66 -13.96 7.42
C ASP A 198 23.97 -13.71 8.89
N LYS A 199 23.39 -14.54 9.75
CA LYS A 199 23.66 -14.60 11.18
C LYS A 199 23.07 -13.44 11.97
N VAL A 200 22.33 -12.53 11.34
CA VAL A 200 21.69 -11.42 12.03
C VAL A 200 20.20 -11.67 12.05
N ASN A 201 19.58 -11.49 13.21
CA ASN A 201 18.14 -11.68 13.35
C ASN A 201 17.41 -10.36 13.19
N PHE A 202 16.25 -10.43 12.53
CA PHE A 202 15.36 -9.28 12.40
C PHE A 202 14.00 -9.69 12.91
N HIS A 203 13.50 -8.96 13.89
CA HIS A 203 12.19 -9.18 14.48
C HIS A 203 11.36 -7.98 14.09
N MET A 204 10.41 -8.20 13.21
CA MET A 204 9.66 -7.13 12.59
C MET A 204 8.22 -7.16 13.06
N PHE A 205 7.70 -5.98 13.36
CA PHE A 205 6.36 -5.81 13.92
C PHE A 205 5.51 -5.06 12.91
N ASP A 206 4.48 -5.72 12.41
CA ASP A 206 3.49 -5.12 11.52
C ASP A 206 2.41 -4.54 12.43
N VAL A 207 2.52 -3.24 12.71
CA VAL A 207 1.68 -2.60 13.72
C VAL A 207 0.48 -1.99 13.00
N GLY A 208 -0.71 -2.50 13.27
CA GLY A 208 -1.90 -1.98 12.63
C GLY A 208 -2.01 -0.47 12.76
N GLY A 209 -2.41 0.19 11.68
CA GLY A 209 -2.40 1.64 11.65
C GLY A 209 -3.73 2.31 11.34
N GLN A 210 -4.83 1.58 11.33
CA GLN A 210 -6.10 2.26 11.24
C GLN A 210 -6.33 3.09 12.52
N ARG A 211 -7.16 4.13 12.40
CA ARG A 211 -7.22 5.13 13.46
C ARG A 211 -7.48 4.52 14.82
N ASP A 212 -8.40 3.56 14.90
CA ASP A 212 -8.74 3.04 16.22
C ASP A 212 -7.66 2.12 16.79
N GLU A 213 -6.62 1.81 16.03
CA GLU A 213 -5.52 0.97 16.50
C GLU A 213 -4.34 1.78 17.03
N ARG A 214 -4.30 3.09 16.79
CA ARG A 214 -3.07 3.81 17.00
C ARG A 214 -2.77 4.03 18.49
N ARG A 215 -3.79 3.98 19.35
CA ARG A 215 -3.52 4.10 20.78
C ARG A 215 -2.55 3.02 21.25
N LYS A 216 -2.52 1.87 20.57
CA LYS A 216 -1.65 0.76 20.92
C LYS A 216 -0.21 0.92 20.41
N TRP A 217 0.06 1.88 19.53
CA TRP A 217 1.38 1.99 18.93
C TRP A 217 2.49 1.99 19.98
N ILE A 218 2.32 2.81 21.02
CA ILE A 218 3.38 2.99 22.01
C ILE A 218 3.74 1.68 22.68
N GLN A 219 2.82 0.72 22.72
CA GLN A 219 3.08 -0.54 23.39
C GLN A 219 4.09 -1.39 22.65
N SER A 220 4.34 -1.11 21.37
CA SER A 220 5.31 -1.87 20.61
C SER A 220 6.69 -1.21 20.59
N PHE A 221 6.84 -0.09 21.28
CA PHE A 221 8.10 0.64 21.29
C PHE A 221 9.04 0.06 22.34
N ASN A 222 9.23 -1.25 22.32
CA ASN A 222 10.12 -1.94 23.27
C ASN A 222 11.41 -2.25 22.55
N ASP A 223 12.45 -1.49 22.86
CA ASP A 223 13.80 -1.75 22.37
C ASP A 223 13.81 -1.75 20.84
N VAL A 224 13.38 -0.62 20.27
CA VAL A 224 13.25 -0.47 18.84
C VAL A 224 14.60 -0.10 18.24
N THR A 225 15.01 -0.84 17.21
CA THR A 225 16.23 -0.48 16.49
C THR A 225 15.95 0.67 15.54
N ALA A 226 14.88 0.56 14.77
CA ALA A 226 14.49 1.59 13.82
C ALA A 226 13.01 1.44 13.52
N ILE A 227 12.43 2.53 13.09
CA ILE A 227 11.06 2.55 12.59
C ILE A 227 11.12 2.53 11.08
N ILE A 228 10.27 1.72 10.47
CA ILE A 228 10.00 1.81 9.04
C ILE A 228 8.60 2.38 8.89
N PHE A 229 8.51 3.59 8.37
CA PHE A 229 7.23 4.26 8.19
C PHE A 229 6.83 4.10 6.73
N VAL A 230 5.65 3.54 6.50
CA VAL A 230 5.20 3.17 5.16
C VAL A 230 4.12 4.13 4.74
N VAL A 231 4.20 4.59 3.48
CA VAL A 231 3.30 5.57 2.90
C VAL A 231 2.78 5.07 1.56
N ALA A 232 1.46 5.16 1.35
CA ALA A 232 0.86 4.89 0.04
C ALA A 232 0.99 6.14 -0.81
N SER A 233 2.12 6.25 -1.52
CA SER A 233 2.42 7.46 -2.28
C SER A 233 1.36 7.74 -3.34
N SER A 234 0.75 6.68 -3.86
CA SER A 234 -0.22 6.77 -4.94
C SER A 234 -1.58 7.29 -4.48
N SER A 235 -1.82 7.37 -3.18
CA SER A 235 -3.16 7.69 -2.67
C SER A 235 -3.36 9.18 -2.41
N TYR A 236 -2.61 10.04 -3.11
CA TYR A 236 -2.70 11.47 -2.86
C TYR A 236 -4.05 12.07 -3.22
N ASN A 237 -4.85 11.37 -4.04
CA ASN A 237 -6.15 11.87 -4.47
C ASN A 237 -7.30 11.13 -3.79
N MET A 238 -7.00 10.40 -2.71
CA MET A 238 -7.96 9.56 -2.02
C MET A 238 -8.12 10.02 -0.57
N VAL A 239 -9.21 9.58 0.04
CA VAL A 239 -9.46 9.85 1.45
C VAL A 239 -9.47 8.53 2.20
N ILE A 240 -9.26 8.62 3.53
CA ILE A 240 -9.15 7.43 4.36
C ILE A 240 -10.51 6.80 4.56
N ARG A 241 -10.52 5.49 4.83
CA ARG A 241 -11.76 4.79 5.12
C ARG A 241 -12.42 5.29 6.39
N GLU A 242 -11.63 5.70 7.38
CA GLU A 242 -12.17 5.89 8.72
C GLU A 242 -13.21 7.01 8.76
N ASP A 243 -12.97 8.12 8.07
CA ASP A 243 -13.94 9.21 8.01
C ASP A 243 -14.37 9.56 6.59
N ASN A 244 -13.82 8.92 5.57
CA ASN A 244 -14.16 9.21 4.17
C ASN A 244 -14.07 10.71 3.88
N GLN A 245 -13.11 11.38 4.51
CA GLN A 245 -12.97 12.83 4.37
C GLN A 245 -11.50 13.27 4.37
N THR A 246 -10.67 12.68 5.23
CA THR A 246 -9.28 13.12 5.35
C THR A 246 -8.44 12.51 4.24
N ASN A 247 -7.72 13.36 3.53
CA ASN A 247 -6.84 12.91 2.46
C ASN A 247 -5.84 11.88 2.97
N ARG A 248 -5.66 10.81 2.20
CA ARG A 248 -4.82 9.70 2.65
C ARG A 248 -3.38 10.13 2.83
N LEU A 249 -2.87 10.97 1.92
CA LEU A 249 -1.48 11.38 2.04
C LEU A 249 -1.32 12.38 3.17
N GLN A 250 -2.31 13.24 3.38
CA GLN A 250 -2.24 14.13 4.52
C GLN A 250 -2.29 13.33 5.82
N GLU A 251 -3.10 12.28 5.87
CA GLU A 251 -3.09 11.41 7.05
C GLU A 251 -1.70 10.84 7.29
N ALA A 252 -1.05 10.36 6.23
CA ALA A 252 0.28 9.80 6.38
C ALA A 252 1.28 10.86 6.86
N LEU A 253 1.19 12.07 6.30
CA LEU A 253 2.07 13.14 6.73
C LEU A 253 1.86 13.47 8.21
N ASN A 254 0.58 13.54 8.63
CA ASN A 254 0.29 13.84 10.02
C ASN A 254 0.85 12.76 10.94
N LEU A 255 0.72 11.50 10.53
CA LEU A 255 1.25 10.40 11.33
C LEU A 255 2.77 10.44 11.36
N PHE A 256 3.41 10.74 10.22
CA PHE A 256 4.86 10.82 10.21
C PHE A 256 5.33 11.92 11.15
N LYS A 257 4.63 13.06 11.13
CA LYS A 257 4.98 14.16 12.02
C LYS A 257 4.85 13.72 13.47
N SER A 258 3.79 12.98 13.78
CA SER A 258 3.60 12.47 15.14
C SER A 258 4.77 11.59 15.55
N ILE A 259 5.19 10.70 14.65
CA ILE A 259 6.28 9.78 14.97
C ILE A 259 7.60 10.52 15.07
N TRP A 260 7.89 11.36 14.07
CA TRP A 260 9.18 12.01 14.00
C TRP A 260 9.42 12.89 15.23
N ASN A 261 8.38 13.54 15.73
CA ASN A 261 8.52 14.45 16.85
C ASN A 261 8.16 13.82 18.19
N ASN A 262 7.89 12.52 18.23
CA ASN A 262 7.46 11.90 19.47
C ASN A 262 8.58 11.93 20.49
N ARG A 263 8.22 12.24 21.73
CA ARG A 263 9.23 12.41 22.77
C ARG A 263 10.01 11.13 23.02
N TRP A 264 9.38 9.97 22.81
CA TRP A 264 10.01 8.70 23.09
C TRP A 264 10.61 8.05 21.86
N LEU A 265 10.74 8.80 20.76
CA LEU A 265 11.43 8.32 19.57
C LEU A 265 12.52 9.30 19.14
N ARG A 266 12.92 10.22 20.02
CA ARG A 266 13.86 11.28 19.64
C ARG A 266 15.19 10.73 19.15
N THR A 267 15.57 9.53 19.60
CA THR A 267 16.85 8.94 19.22
C THR A 267 16.68 7.78 18.24
N ILE A 268 15.47 7.53 17.78
CA ILE A 268 15.18 6.37 16.94
C ILE A 268 15.04 6.87 15.50
N SER A 269 15.86 6.33 14.61
CA SER A 269 15.83 6.78 13.23
C SER A 269 14.66 6.14 12.51
N VAL A 270 14.25 6.79 11.42
CA VAL A 270 13.05 6.41 10.71
C VAL A 270 13.42 6.18 9.26
N ILE A 271 13.20 4.96 8.81
CA ILE A 271 13.35 4.61 7.41
C ILE A 271 11.98 4.80 6.80
N LEU A 272 11.90 5.62 5.76
CA LEU A 272 10.64 6.02 5.19
C LEU A 272 10.47 5.30 3.87
N PHE A 273 9.45 4.43 3.80
CA PHE A 273 9.11 3.72 2.56
C PHE A 273 8.03 4.53 1.85
N LEU A 274 8.42 5.25 0.82
CA LEU A 274 7.46 5.93 -0.05
C LEU A 274 6.99 4.88 -1.02
N ASN A 275 5.93 4.20 -0.64
CA ASN A 275 5.53 2.94 -1.24
C ASN A 275 4.52 3.18 -2.37
N LYS A 276 4.18 2.09 -3.06
CA LYS A 276 3.22 2.11 -4.17
C LYS A 276 3.71 3.00 -5.31
N GLN A 277 5.02 2.94 -5.55
CA GLN A 277 5.59 3.72 -6.64
C GLN A 277 5.02 3.29 -7.99
N ASP A 278 4.65 2.01 -8.13
CA ASP A 278 4.10 1.57 -9.40
C ASP A 278 2.75 2.22 -9.66
N LEU A 279 1.88 2.22 -8.64
CA LEU A 279 0.57 2.84 -8.77
C LEU A 279 0.69 4.35 -8.88
N LEU A 280 1.66 4.95 -8.20
CA LEU A 280 1.86 6.39 -8.34
C LEU A 280 2.22 6.74 -9.78
N ALA A 281 3.16 6.00 -10.37
CA ALA A 281 3.56 6.30 -11.75
C ALA A 281 2.37 6.16 -12.69
N GLU A 282 1.61 5.08 -12.55
CA GLU A 282 0.42 4.90 -13.37
C GLU A 282 -0.52 6.09 -13.26
N LYS A 283 -0.78 6.53 -12.02
CA LYS A 283 -1.74 7.62 -11.81
C LYS A 283 -1.20 8.93 -12.36
N VAL A 284 0.09 9.19 -12.17
CA VAL A 284 0.68 10.43 -12.71
C VAL A 284 0.61 10.41 -14.23
N LEU A 285 0.99 9.30 -14.85
CA LEU A 285 1.05 9.25 -16.31
C LEU A 285 -0.33 9.27 -16.94
N ALA A 286 -1.32 8.70 -16.26
CA ALA A 286 -2.69 8.74 -16.77
C ALA A 286 -3.17 10.19 -16.91
N GLY A 287 -2.71 11.08 -16.05
CA GLY A 287 -2.95 12.49 -16.19
C GLY A 287 -4.36 12.95 -15.89
N LYS A 288 -5.14 12.12 -15.20
CA LYS A 288 -6.54 12.43 -14.90
C LYS A 288 -6.72 13.05 -13.53
N SER A 289 -5.86 12.72 -12.57
CA SER A 289 -5.97 13.23 -11.21
C SER A 289 -4.67 13.96 -10.90
N LYS A 290 -4.74 15.27 -10.84
CA LYS A 290 -3.57 16.12 -10.70
C LYS A 290 -3.21 16.28 -9.23
N ILE A 291 -1.93 16.10 -8.91
CA ILE A 291 -1.46 16.29 -7.55
C ILE A 291 -1.80 17.69 -7.05
N GLU A 292 -1.69 18.70 -7.93
CA GLU A 292 -1.89 20.07 -7.51
C GLU A 292 -3.33 20.36 -7.09
N ASP A 293 -4.29 19.53 -7.50
CA ASP A 293 -5.65 19.68 -7.01
C ASP A 293 -5.78 19.25 -5.55
N TYR A 294 -4.81 18.54 -5.01
CA TYR A 294 -4.81 18.08 -3.64
C TYR A 294 -3.71 18.69 -2.81
N PHE A 295 -2.57 19.00 -3.43
CA PHE A 295 -1.42 19.60 -2.76
C PHE A 295 -0.98 20.74 -3.68
N PRO A 296 -1.57 21.92 -3.50
CA PRO A 296 -1.39 23.00 -4.49
C PRO A 296 0.05 23.42 -4.70
N GLU A 297 0.91 23.28 -3.69
CA GLU A 297 2.31 23.69 -3.85
C GLU A 297 3.02 22.87 -4.91
N PHE A 298 2.47 21.73 -5.32
CA PHE A 298 3.08 20.96 -6.39
C PHE A 298 3.16 21.77 -7.67
N ALA A 299 2.24 22.71 -7.86
CA ALA A 299 2.25 23.52 -9.07
C ALA A 299 3.52 24.34 -9.18
N ARG A 300 4.14 24.69 -8.05
CA ARG A 300 5.37 25.47 -8.03
C ARG A 300 6.60 24.60 -7.76
N TYR A 301 6.43 23.28 -7.72
CA TYR A 301 7.51 22.39 -7.32
C TYR A 301 8.35 22.01 -8.53
N THR A 302 9.66 22.15 -8.40
CA THR A 302 10.61 21.71 -9.41
C THR A 302 11.40 20.52 -8.87
N THR A 303 11.64 19.55 -9.74
CA THR A 303 12.41 18.38 -9.36
C THR A 303 13.77 18.83 -8.80
N PRO A 304 14.19 18.32 -7.64
CA PRO A 304 15.46 18.76 -7.08
C PRO A 304 16.63 18.36 -7.96
N GLU A 305 17.71 19.14 -7.86
CA GLU A 305 18.87 18.88 -8.69
C GLU A 305 19.52 17.56 -8.36
N ASP A 306 19.43 17.12 -7.11
CA ASP A 306 20.01 15.87 -6.67
C ASP A 306 19.07 14.68 -6.82
N ALA A 307 17.93 14.86 -7.49
CA ALA A 307 17.06 13.73 -7.79
C ALA A 307 17.83 12.70 -8.61
N THR A 308 17.56 11.43 -8.34
CA THR A 308 18.19 10.32 -9.06
C THR A 308 17.08 9.44 -9.63
N PRO A 309 16.44 9.87 -10.70
CA PRO A 309 15.41 9.04 -11.31
C PRO A 309 15.97 7.68 -11.69
N GLU A 310 15.09 6.68 -11.66
CA GLU A 310 15.47 5.37 -12.13
C GLU A 310 15.61 5.37 -13.65
N PRO A 311 16.42 4.47 -14.21
CA PRO A 311 16.51 4.39 -15.67
C PRO A 311 15.17 4.05 -16.28
N GLY A 312 14.83 4.76 -17.37
CA GLY A 312 13.54 4.62 -18.02
C GLY A 312 12.41 5.42 -17.38
N GLU A 313 12.67 6.16 -16.31
CA GLU A 313 11.63 6.85 -15.57
C GLU A 313 11.19 8.10 -16.31
N ASP A 314 9.89 8.29 -16.41
CA ASP A 314 9.34 9.50 -17.02
C ASP A 314 9.60 10.70 -16.10
N PRO A 315 10.09 11.82 -16.62
CA PRO A 315 10.35 12.97 -15.74
C PRO A 315 9.13 13.46 -14.97
N ARG A 316 7.92 13.25 -15.50
CA ARG A 316 6.73 13.63 -14.75
C ARG A 316 6.60 12.79 -13.49
N VAL A 317 6.99 11.53 -13.57
CA VAL A 317 6.93 10.65 -12.41
C VAL A 317 8.00 11.05 -11.40
N THR A 318 9.20 11.37 -11.90
CA THR A 318 10.25 11.84 -11.00
C THR A 318 9.77 13.03 -10.20
N ARG A 319 9.19 14.02 -10.89
CA ARG A 319 8.74 15.22 -10.20
C ARG A 319 7.72 14.87 -9.13
N ALA A 320 6.75 14.04 -9.47
CA ALA A 320 5.71 13.66 -8.52
C ALA A 320 6.29 12.94 -7.31
N LYS A 321 7.13 11.93 -7.54
CA LYS A 321 7.58 11.12 -6.41
C LYS A 321 8.52 11.90 -5.52
N TYR A 322 9.29 12.83 -6.08
CA TYR A 322 10.16 13.63 -5.23
C TYR A 322 9.38 14.70 -4.50
N PHE A 323 8.32 15.25 -5.09
CA PHE A 323 7.48 16.17 -4.34
C PHE A 323 6.95 15.48 -3.10
N ILE A 324 6.44 14.26 -3.26
CA ILE A 324 5.88 13.54 -2.13
C ILE A 324 6.97 13.24 -1.11
N ARG A 325 8.14 12.79 -1.56
CA ARG A 325 9.26 12.61 -0.65
C ARG A 325 9.51 13.89 0.13
N ASP A 326 9.57 15.02 -0.57
CA ASP A 326 9.96 16.25 0.08
C ASP A 326 8.91 16.77 1.05
N GLU A 327 7.64 16.40 0.89
CA GLU A 327 6.65 16.71 1.92
C GLU A 327 7.03 16.07 3.24
N PHE A 328 7.51 14.82 3.19
CA PHE A 328 7.94 14.16 4.43
C PHE A 328 9.25 14.75 4.94
N LEU A 329 10.19 15.04 4.04
CA LEU A 329 11.47 15.53 4.50
C LEU A 329 11.36 16.93 5.08
N ARG A 330 10.38 17.71 4.64
CA ARG A 330 10.16 19.01 5.26
C ARG A 330 9.82 18.84 6.73
N ILE A 331 9.04 17.82 7.06
CA ILE A 331 8.72 17.53 8.45
C ILE A 331 9.98 17.10 9.19
N SER A 332 10.78 16.23 8.60
CA SER A 332 11.93 15.70 9.33
C SER A 332 13.04 16.74 9.50
N THR A 333 13.10 17.76 8.65
CA THR A 333 14.06 18.83 8.83
C THR A 333 13.52 19.98 9.67
N ALA A 334 12.20 20.06 9.85
CA ALA A 334 11.60 21.21 10.53
C ALA A 334 11.84 21.17 12.04
N SER A 335 11.81 19.98 12.62
CA SER A 335 11.88 19.83 14.07
C SER A 335 12.05 18.35 14.36
N GLY A 336 12.37 18.04 15.62
CA GLY A 336 12.57 16.66 16.03
C GLY A 336 13.80 16.00 15.46
N ASP A 337 14.70 16.76 14.85
CA ASP A 337 15.84 16.20 14.13
C ASP A 337 17.08 16.03 15.00
N GLY A 338 16.99 16.32 16.29
CA GLY A 338 18.15 16.30 17.17
C GLY A 338 19.05 15.08 17.05
N ARG A 339 18.55 13.91 17.44
CA ARG A 339 19.38 12.74 17.66
C ARG A 339 18.94 11.54 16.81
N HIS A 340 18.45 11.79 15.61
CA HIS A 340 18.06 10.69 14.74
C HIS A 340 17.95 11.19 13.30
N TYR A 341 17.88 10.24 12.38
CA TYR A 341 17.91 10.54 10.97
C TYR A 341 16.69 9.90 10.30
N CYS A 342 16.35 10.45 9.15
CA CYS A 342 15.32 9.89 8.29
C CYS A 342 15.98 9.39 7.01
N TYR A 343 15.62 8.18 6.61
CA TYR A 343 16.19 7.54 5.43
C TYR A 343 15.07 7.25 4.44
N PRO A 344 14.85 8.10 3.44
CA PRO A 344 13.78 7.84 2.49
C PRO A 344 14.17 6.84 1.41
N HIS A 345 13.21 6.02 1.05
CA HIS A 345 13.35 5.05 -0.03
C HIS A 345 12.04 5.03 -0.82
N PHE A 346 12.17 4.91 -2.13
CA PHE A 346 11.02 4.70 -3.02
C PHE A 346 10.82 3.20 -3.17
N THR A 347 9.62 2.71 -2.84
CA THR A 347 9.40 1.28 -2.75
C THR A 347 8.16 0.87 -3.52
N CYS A 348 8.16 -0.42 -3.89
CA CYS A 348 6.99 -1.09 -4.45
C CYS A 348 6.87 -2.40 -3.68
N ALA A 349 6.00 -2.43 -2.68
CA ALA A 349 6.03 -3.53 -1.72
C ALA A 349 5.62 -4.85 -2.34
N VAL A 350 4.89 -4.83 -3.46
CA VAL A 350 4.51 -6.09 -4.09
C VAL A 350 5.60 -6.64 -5.00
N ASP A 351 6.67 -5.89 -5.21
CA ASP A 351 7.77 -6.30 -6.09
C ASP A 351 8.87 -6.88 -5.20
N THR A 352 9.03 -8.21 -5.26
CA THR A 352 9.92 -8.88 -4.32
C THR A 352 11.36 -8.39 -4.47
N GLU A 353 11.83 -8.23 -5.71
CA GLU A 353 13.20 -7.79 -5.91
C GLU A 353 13.37 -6.36 -5.41
N ASN A 354 12.36 -5.51 -5.60
CA ASN A 354 12.45 -4.16 -5.06
C ASN A 354 12.64 -4.19 -3.56
N ILE A 355 11.86 -5.01 -2.86
CA ILE A 355 11.94 -5.05 -1.41
C ILE A 355 13.22 -5.75 -0.96
N ARG A 356 13.69 -6.75 -1.70
CA ARG A 356 14.99 -7.33 -1.37
C ARG A 356 16.05 -6.25 -1.34
N ARG A 357 16.06 -5.41 -2.38
CA ARG A 357 17.06 -4.36 -2.46
C ARG A 357 16.87 -3.33 -1.35
N VAL A 358 15.64 -2.86 -1.16
CA VAL A 358 15.41 -1.85 -0.13
C VAL A 358 15.74 -2.40 1.25
N PHE A 359 15.36 -3.66 1.51
CA PHE A 359 15.65 -4.20 2.83
C PHE A 359 17.14 -4.38 3.03
N ASN A 360 17.87 -4.75 1.98
CA ASN A 360 19.32 -4.84 2.11
C ASN A 360 19.91 -3.47 2.39
N ASP A 361 19.37 -2.41 1.76
CA ASP A 361 19.80 -1.07 2.13
C ASP A 361 19.49 -0.78 3.60
N CYS A 362 18.30 -1.20 4.06
CA CYS A 362 17.97 -1.04 5.48
C CYS A 362 18.96 -1.79 6.35
N ARG A 363 19.33 -3.00 5.93
CA ARG A 363 20.29 -3.76 6.73
C ARG A 363 21.57 -2.98 6.90
N ASP A 364 22.05 -2.36 5.82
CA ASP A 364 23.29 -1.59 5.88
C ASP A 364 23.11 -0.30 6.65
N ILE A 365 21.98 0.39 6.46
CA ILE A 365 21.67 1.56 7.29
C ILE A 365 21.77 1.20 8.76
N ILE A 366 21.16 0.07 9.15
CA ILE A 366 21.14 -0.33 10.56
C ILE A 366 22.56 -0.59 11.04
N GLN A 367 23.37 -1.28 10.23
CA GLN A 367 24.74 -1.56 10.64
C GLN A 367 25.53 -0.27 10.81
N ARG A 368 25.25 0.73 9.99
CA ARG A 368 25.97 1.99 10.03
C ARG A 368 25.42 2.98 11.05
N MET A 369 24.28 2.68 11.68
CA MET A 369 23.65 3.66 12.59
C MET A 369 24.52 3.94 13.79
N HIS A 370 25.06 2.89 14.41
CA HIS A 370 25.83 3.07 15.63
C HIS A 370 26.89 4.14 15.45
N LEU A 371 27.76 3.97 14.47
CA LEU A 371 28.82 4.95 14.26
C LEU A 371 28.27 6.26 13.72
N ARG A 372 27.21 6.24 12.90
CA ARG A 372 26.69 7.50 12.39
C ARG A 372 26.12 8.37 13.50
N GLN A 373 25.64 7.76 14.58
CA GLN A 373 25.05 8.52 15.68
C GLN A 373 26.05 9.52 16.25
N TYR A 374 27.35 9.24 16.14
CA TYR A 374 28.36 10.15 16.67
C TYR A 374 28.54 11.40 15.81
N GLU A 375 27.96 11.44 14.62
CA GLU A 375 27.96 12.66 13.83
C GLU A 375 26.97 13.69 14.35
N LEU A 376 25.97 13.24 15.10
CA LEU A 376 24.95 14.16 15.60
C LEU A 376 25.51 15.02 16.72
N LEU A 377 24.92 16.20 16.88
CA LEU A 377 25.36 17.13 17.92
C LEU A 377 24.69 16.80 19.24
#